data_2VVU
#
_entry.id   2VVU
#
_cell.length_a   48.890
_cell.length_b   74.670
_cell.length_c   76.970
_cell.angle_alpha   90.00
_cell.angle_beta   90.00
_cell.angle_gamma   90.00
#
_symmetry.space_group_name_H-M   'P 21 21 21'
#
loop_
_entity.id
_entity.type
_entity.pdbx_description
1 polymer 'ACTIVATED FACTOR XA HEAVY CHAIN'
2 polymer 'FACTOR X LIGHT CHAIN'
3 non-polymer 5-chloro-N-[(3R)-1-(2-{[2-fluoro-4-(2-oxopyridin-1(2H)-yl)phenyl]amino}-2-oxoethyl)pyrrolidin-3-yl]thiophene-2-carboxamide
4 non-polymer 'CALCIUM ION'
5 non-polymer 'SODIUM ION'
6 water water
#
loop_
_entity_poly.entity_id
_entity_poly.type
_entity_poly.pdbx_seq_one_letter_code
_entity_poly.pdbx_strand_id
1 'polypeptide(L)'
;IVGGQECKDGECPWQALLINEENEGFCGGTILSEFYILTAAHCLYQAKRFKVRVGDRNTEQEEGGEAVHEVEVVIKHNRF
TKETYDFDIAVLRLKTPITFRMNVAPACLPERDWAESTLMTQKTGIVSGFGRTHEKGEQSTRLKMLEVPYVDRNSCKLSS
SFIITQNMFCAGYDTKQEDACQGDSGGPHVTRFKDTYFVTGIVSWGEGCARKGKYGIYTKVTAFLKWIDRSMKTRGLPKA
K
;
A
2 'polypeptide(L)' RKLCSLDNGDCDQFCHEEQNSVVCSCARGYTLADNGKACIPTGPYPCGKQTLERR L
#
# COMPACT_ATOMS: atom_id res chain seq x y z
N ILE A 1 2.18 8.75 10.82
CA ILE A 1 1.23 7.80 11.45
C ILE A 1 1.00 8.19 12.91
N VAL A 2 -0.24 8.51 13.24
CA VAL A 2 -0.63 8.78 14.61
C VAL A 2 -1.10 7.50 15.28
N GLY A 3 -0.43 7.10 16.36
CA GLY A 3 -0.74 5.84 17.03
C GLY A 3 -0.06 4.71 16.31
N GLY A 4 -0.56 3.49 16.51
CA GLY A 4 0.00 2.31 15.84
C GLY A 4 1.29 1.91 16.50
N GLN A 5 2.27 1.41 15.74
CA GLN A 5 3.51 0.96 16.35
C GLN A 5 4.67 1.05 15.37
N GLU A 6 5.89 0.99 15.89
CA GLU A 6 7.05 0.89 15.02
C GLU A 6 7.00 -0.37 14.18
N CYS A 7 7.22 -0.25 12.88
CA CYS A 7 7.24 -1.48 12.11
C CYS A 7 8.45 -2.29 12.56
N LYS A 8 8.23 -3.54 12.95
CA LYS A 8 9.34 -4.37 13.39
C LYS A 8 10.13 -4.83 12.20
N ASP A 9 11.30 -5.39 12.49
CA ASP A 9 12.23 -5.74 11.44
C ASP A 9 11.62 -6.69 10.42
N GLY A 10 11.63 -6.25 9.17
CA GLY A 10 11.18 -7.11 8.08
C GLY A 10 9.68 -7.17 7.87
N GLU A 11 8.91 -6.37 8.62
CA GLU A 11 7.44 -6.47 8.58
C GLU A 11 6.72 -5.51 7.62
N CYS A 12 7.45 -4.49 7.17
CA CYS A 12 6.97 -3.53 6.16
C CYS A 12 7.97 -3.36 5.02
N PRO A 13 8.39 -4.47 4.38
CA PRO A 13 9.46 -4.40 3.41
C PRO A 13 9.09 -3.73 2.08
N TRP A 14 7.79 -3.55 1.81
CA TRP A 14 7.40 -2.96 0.53
C TRP A 14 7.37 -1.44 0.69
N GLN A 15 7.66 -0.97 1.90
CA GLN A 15 7.68 0.48 2.14
C GLN A 15 8.75 1.16 1.31
N ALA A 16 8.39 2.25 0.65
CA ALA A 16 9.38 3.11 0.01
C ALA A 16 9.14 4.52 0.51
N LEU A 17 10.20 5.34 0.52
CA LEU A 17 10.07 6.75 0.82
C LEU A 17 10.52 7.62 -0.37
N LEU A 18 9.71 8.60 -0.75
CA LEU A 18 10.10 9.59 -1.78
C LEU A 18 10.84 10.77 -1.11
N ILE A 19 12.04 11.08 -1.57
CA ILE A 19 12.88 12.06 -0.85
C ILE A 19 13.17 13.37 -1.59
N ASN A 20 13.00 14.47 -0.86
CA ASN A 20 13.28 15.83 -1.35
C ASN A 20 14.69 16.03 -1.86
N GLU A 21 14.90 17.14 -2.57
CA GLU A 21 16.26 17.51 -2.96
C GLU A 21 17.10 17.65 -1.70
N GLU A 22 16.52 18.23 -0.65
CA GLU A 22 17.18 18.25 0.66
C GLU A 22 17.13 16.90 1.40
N ASN A 23 16.86 15.82 0.67
CA ASN A 23 16.86 14.48 1.23
C ASN A 23 15.91 14.29 2.40
N GLU A 24 14.85 15.10 2.42
CA GLU A 24 13.77 14.91 3.39
C GLU A 24 12.60 14.11 2.79
N GLY A 25 12.05 13.21 3.62
CA GLY A 25 10.86 12.44 3.27
C GLY A 25 9.64 13.33 3.21
N PHE A 26 8.81 13.14 2.21
CA PHE A 26 7.62 13.95 2.06
C PHE A 26 6.44 13.07 1.63
N CYS A 27 6.74 11.92 1.04
CA CYS A 27 5.70 10.96 0.64
C CYS A 27 6.20 9.54 0.70
N GLY A 28 5.29 8.59 0.73
CA GLY A 28 5.66 7.17 0.68
C GLY A 28 5.39 6.59 -0.69
N GLY A 29 5.79 5.34 -0.89
CA GLY A 29 5.53 4.59 -2.10
C GLY A 29 5.40 3.15 -1.66
N THR A 30 4.85 2.29 -2.53
CA THR A 30 4.76 0.85 -2.23
C THR A 30 5.56 0.13 -3.28
N ILE A 31 6.51 -0.72 -2.91
CA ILE A 31 7.27 -1.45 -3.93
C ILE A 31 6.35 -2.47 -4.57
N LEU A 32 6.30 -2.46 -5.89
CA LEU A 32 5.48 -3.41 -6.70
C LEU A 32 6.34 -4.43 -7.40
N SER A 33 7.53 -4.03 -7.82
CA SER A 33 8.56 -4.97 -8.32
C SER A 33 9.93 -4.29 -8.41
N GLU A 34 10.91 -5.00 -8.96
CA GLU A 34 12.28 -4.50 -9.01
C GLU A 34 12.32 -3.14 -9.71
N PHE A 35 11.45 -2.93 -10.68
CA PHE A 35 11.45 -1.66 -11.41
C PHE A 35 10.31 -0.66 -11.11
N TYR A 36 9.27 -1.03 -10.35
CA TYR A 36 8.09 -0.12 -10.18
C TYR A 36 7.64 0.20 -8.75
N ILE A 37 7.31 1.46 -8.53
CA ILE A 37 6.84 1.95 -7.25
C ILE A 37 5.44 2.54 -7.39
N LEU A 38 4.50 2.14 -6.56
CA LEU A 38 3.20 2.78 -6.60
C LEU A 38 3.23 3.94 -5.63
N THR A 39 2.68 5.09 -6.03
CA THR A 39 2.55 6.24 -5.12
C THR A 39 1.27 7.02 -5.44
N ALA A 40 1.11 8.18 -4.82
CA ALA A 40 -0.03 9.08 -5.09
C ALA A 40 0.34 10.24 -6.03
N ALA A 41 -0.51 10.46 -7.03
CA ALA A 41 -0.35 11.55 -8.00
C ALA A 41 -0.13 12.92 -7.34
N HIS A 42 -0.90 13.23 -6.30
CA HIS A 42 -0.75 14.51 -5.61
C HIS A 42 0.62 14.68 -4.92
N CYS A 43 1.36 13.58 -4.79
CA CYS A 43 2.71 13.66 -4.20
C CYS A 43 3.67 14.28 -5.22
N LEU A 44 3.23 14.32 -6.48
CA LEU A 44 4.12 14.73 -7.57
C LEU A 44 4.32 16.24 -7.66
N TYR A 45 3.40 17.00 -7.06
CA TYR A 45 3.44 18.45 -7.13
C TYR A 45 4.27 19.03 -5.98
N GLN A 46 4.31 18.28 -4.88
CA GLN A 46 4.92 18.75 -3.64
C GLN A 46 6.46 18.68 -3.64
N ALA A 47 7.02 18.24 -4.76
CA ALA A 47 8.46 18.29 -4.97
C ALA A 47 8.82 18.26 -6.47
N LYS A 48 9.55 19.28 -6.91
CA LYS A 48 10.08 19.27 -8.27
C LYS A 48 10.90 18.01 -8.55
N ARG A 49 12.03 17.85 -7.87
CA ARG A 49 12.85 16.66 -8.11
C ARG A 49 13.02 15.82 -6.84
N PHE A 50 12.91 14.50 -6.98
CA PHE A 50 13.00 13.59 -5.84
C PHE A 50 13.48 12.21 -6.28
N LYS A 51 13.98 11.45 -5.32
CA LYS A 51 14.27 10.05 -5.56
C LYS A 51 13.47 9.16 -4.59
N VAL A 52 13.66 7.85 -4.68
CA VAL A 52 12.93 6.93 -3.82
C VAL A 52 13.92 6.11 -3.03
N ARG A 53 13.75 6.07 -1.70
CA ARG A 53 14.60 5.24 -0.85
C ARG A 53 13.83 4.06 -0.27
N VAL A 54 14.50 2.91 -0.23
CA VAL A 54 13.93 1.70 0.29
C VAL A 54 14.85 1.04 1.32
N GLY A 55 14.35 0.01 1.98
CA GLY A 55 15.18 -0.80 2.87
C GLY A 55 15.63 -0.04 4.10
N ASP A 56 14.94 1.06 4.37
CA ASP A 56 15.27 1.91 5.48
C ASP A 56 14.14 1.88 6.53
N ARG A 57 14.53 1.78 7.81
CA ARG A 57 13.55 1.79 8.89
C ARG A 57 13.81 2.97 9.81
N ASN A 58 15.02 3.51 9.72
CA ASN A 58 15.50 4.56 10.61
C ASN A 58 16.36 5.60 9.85
N THR A 59 15.72 6.68 9.42
CA THR A 59 16.37 7.72 8.63
C THR A 59 17.61 8.32 9.31
N GLU A 60 17.73 8.12 10.61
CA GLU A 60 18.84 8.65 11.39
C GLU A 60 19.89 7.59 11.67
N GLN A 61 19.67 6.39 11.15
CA GLN A 61 20.56 5.27 11.46
C GLN A 61 20.82 4.45 10.21
N GLU A 62 22.05 4.52 9.69
CA GLU A 62 22.44 3.69 8.55
C GLU A 62 22.61 2.23 8.98
N GLU A 63 21.64 1.40 8.62
CA GLU A 63 21.68 -0.02 8.94
C GLU A 63 22.70 -0.76 8.08
N GLY A 64 22.67 -0.48 6.78
CA GLY A 64 23.55 -1.14 5.83
C GLY A 64 22.75 -1.72 4.67
N GLY A 65 21.44 -1.55 4.72
CA GLY A 65 20.58 -2.04 3.65
C GLY A 65 20.01 -0.95 2.75
N GLU A 66 20.12 0.30 3.19
CA GLU A 66 19.60 1.41 2.39
C GLU A 66 20.13 1.37 0.96
N ALA A 67 19.33 1.93 0.06
CA ALA A 67 19.67 2.06 -1.34
C ALA A 67 18.73 3.11 -1.93
N VAL A 68 19.33 4.11 -2.59
CA VAL A 68 18.59 5.24 -3.11
C VAL A 68 18.53 5.15 -4.61
N HIS A 69 17.33 5.18 -5.15
CA HIS A 69 17.06 4.88 -6.55
C HIS A 69 16.45 6.09 -7.24
N GLU A 70 17.01 6.47 -8.38
CA GLU A 70 16.47 7.58 -9.15
C GLU A 70 15.33 7.11 -10.05
N VAL A 71 14.39 8.03 -10.32
CA VAL A 71 13.22 7.73 -11.17
C VAL A 71 13.43 7.92 -12.67
N GLU A 72 13.29 6.85 -13.44
CA GLU A 72 13.45 6.93 -14.89
C GLU A 72 12.21 7.53 -15.55
N VAL A 73 11.03 7.08 -15.12
CA VAL A 73 9.75 7.61 -15.63
C VAL A 73 8.66 7.82 -14.57
N VAL A 74 7.85 8.85 -14.79
CA VAL A 74 6.67 9.09 -13.96
C VAL A 74 5.41 8.93 -14.80
N ILE A 75 4.51 8.06 -14.34
CA ILE A 75 3.25 7.81 -15.02
C ILE A 75 2.10 8.20 -14.10
N LYS A 76 1.59 9.42 -14.26
CA LYS A 76 0.53 9.98 -13.42
C LYS A 76 -0.81 9.62 -14.02
N HIS A 77 -1.82 9.34 -13.19
CA HIS A 77 -3.12 9.11 -13.80
C HIS A 77 -3.63 10.38 -14.45
N ASN A 78 -3.84 10.33 -15.76
CA ASN A 78 -4.19 11.53 -16.53
C ASN A 78 -5.54 12.14 -16.15
N ARG A 79 -6.28 11.46 -15.27
CA ARG A 79 -7.54 12.03 -14.80
C ARG A 79 -7.40 12.61 -13.39
N PHE A 80 -6.20 12.56 -12.80
CA PHE A 80 -6.06 13.13 -11.47
C PHE A 80 -6.13 14.63 -11.52
N THR A 81 -6.80 15.23 -10.54
CA THR A 81 -6.70 16.69 -10.36
C THR A 81 -6.69 17.12 -8.89
N LYS A 82 -6.00 18.23 -8.62
CA LYS A 82 -5.89 18.82 -7.28
C LYS A 82 -7.27 19.21 -6.76
N GLU A 83 -8.13 19.61 -7.68
CA GLU A 83 -9.48 20.07 -7.37
C GLU A 83 -10.31 18.97 -6.71
N THR A 84 -10.16 17.74 -7.19
CA THR A 84 -10.98 16.62 -6.73
C THR A 84 -10.20 15.59 -5.90
N TYR A 85 -8.89 15.52 -6.13
CA TYR A 85 -8.05 14.45 -5.58
C TYR A 85 -8.49 13.05 -6.03
N ASP A 86 -9.32 13.02 -7.08
CA ASP A 86 -9.84 11.77 -7.59
C ASP A 86 -8.77 11.13 -8.45
N PHE A 87 -8.83 9.81 -8.62
CA PHE A 87 -7.79 9.12 -9.38
C PHE A 87 -6.44 9.46 -8.82
N ASP A 88 -6.29 9.42 -7.49
CA ASP A 88 -5.00 9.80 -6.93
C ASP A 88 -4.04 8.64 -6.91
N ILE A 89 -3.46 8.37 -8.07
CA ILE A 89 -2.57 7.26 -8.24
C ILE A 89 -1.51 7.54 -9.31
N ALA A 90 -0.33 6.96 -9.12
CA ALA A 90 0.77 7.13 -10.05
C ALA A 90 1.78 6.00 -9.91
N VAL A 91 2.41 5.63 -11.01
CA VAL A 91 3.47 4.64 -10.97
C VAL A 91 4.85 5.26 -11.28
N LEU A 92 5.88 4.83 -10.57
CA LEU A 92 7.22 5.26 -10.93
C LEU A 92 8.05 4.09 -11.42
N ARG A 93 8.77 4.29 -12.54
CA ARG A 93 9.75 3.31 -12.98
C ARG A 93 11.15 3.79 -12.58
N LEU A 94 11.94 2.87 -12.05
CA LEU A 94 13.25 3.21 -11.49
C LEU A 94 14.36 3.00 -12.53
N LYS A 95 15.29 3.94 -12.61
CA LYS A 95 16.43 3.78 -13.53
C LYS A 95 17.14 2.44 -13.30
N THR A 96 17.49 2.18 -12.04
CA THR A 96 18.14 0.94 -11.63
C THR A 96 17.18 0.04 -10.83
N PRO A 97 17.28 -1.29 -11.04
CA PRO A 97 16.34 -2.20 -10.40
C PRO A 97 16.59 -2.26 -8.90
N ILE A 98 15.55 -2.54 -8.13
CA ILE A 98 15.71 -2.86 -6.72
C ILE A 98 16.22 -4.30 -6.57
N THR A 99 17.12 -4.51 -5.60
CA THR A 99 17.58 -5.82 -5.19
C THR A 99 16.85 -6.24 -3.93
N PHE A 100 15.97 -7.22 -4.02
CA PHE A 100 15.16 -7.61 -2.87
C PHE A 100 16.07 -8.29 -1.86
N ARG A 101 15.84 -7.99 -0.60
CA ARG A 101 16.69 -8.43 0.47
C ARG A 101 15.98 -8.11 1.78
N MET A 102 16.62 -8.38 2.91
CA MET A 102 16.04 -8.00 4.19
C MET A 102 15.41 -6.63 4.12
N ASN A 103 14.13 -6.54 4.49
CA ASN A 103 13.47 -5.24 4.53
C ASN A 103 13.20 -4.60 3.17
N VAL A 104 13.44 -5.33 2.09
CA VAL A 104 13.14 -4.81 0.74
C VAL A 104 12.43 -5.88 -0.10
N ALA A 105 11.12 -5.73 -0.27
CA ALA A 105 10.38 -6.68 -1.09
C ALA A 105 9.00 -6.12 -1.48
N PRO A 106 8.44 -6.63 -2.59
CA PRO A 106 7.21 -6.04 -3.12
C PRO A 106 5.91 -6.58 -2.47
N ALA A 107 4.85 -5.80 -2.49
CA ALA A 107 3.58 -6.31 -2.02
C ALA A 107 2.89 -6.88 -3.25
N CYS A 108 1.96 -7.83 -3.06
CA CYS A 108 1.24 -8.41 -4.19
C CYS A 108 0.03 -7.58 -4.62
N LEU A 109 -0.17 -7.51 -5.94
CA LEU A 109 -1.41 -7.02 -6.51
C LEU A 109 -2.38 -8.19 -6.61
N PRO A 110 -3.62 -7.98 -6.16
CA PRO A 110 -4.65 -9.03 -6.19
C PRO A 110 -5.37 -9.08 -7.53
N GLU A 111 -6.18 -10.12 -7.74
CA GLU A 111 -7.12 -10.17 -8.84
C GLU A 111 -8.29 -9.32 -8.34
N ARG A 112 -8.94 -8.56 -9.22
CA ARG A 112 -9.90 -7.55 -8.79
C ARG A 112 -11.16 -8.08 -8.08
N ASP A 113 -11.85 -9.02 -8.72
CA ASP A 113 -13.10 -9.55 -8.17
C ASP A 113 -12.87 -10.18 -6.80
N TRP A 114 -11.82 -10.97 -6.68
CA TRP A 114 -11.44 -11.58 -5.41
C TRP A 114 -11.09 -10.58 -4.31
N ALA A 115 -10.38 -9.51 -4.68
CA ALA A 115 -9.99 -8.47 -3.73
C ALA A 115 -11.23 -7.75 -3.15
N GLU A 116 -12.20 -7.49 -4.04
CA GLU A 116 -13.52 -6.98 -3.67
C GLU A 116 -14.30 -7.91 -2.75
N SER A 117 -14.31 -9.20 -3.04
CA SER A 117 -15.14 -10.11 -2.22
C SER A 117 -14.41 -10.64 -1.03
N THR A 118 -13.10 -10.46 -0.98
CA THR A 118 -12.33 -11.14 0.06
C THR A 118 -11.39 -10.23 0.84
N LEU A 119 -10.84 -9.20 0.20
CA LEU A 119 -9.89 -8.35 0.90
C LEU A 119 -10.60 -7.13 1.49
N MET A 120 -11.43 -6.49 0.69
CA MET A 120 -12.13 -5.28 1.06
C MET A 120 -13.18 -5.57 2.11
N THR A 121 -13.52 -6.85 2.26
CA THR A 121 -14.51 -7.30 3.23
C THR A 121 -13.86 -7.78 4.53
N GLN A 122 -12.54 -7.65 4.66
CA GLN A 122 -11.92 -7.97 5.94
C GLN A 122 -12.28 -6.84 6.88
N LYS A 123 -11.92 -7.00 8.14
CA LYS A 123 -12.19 -5.98 9.13
C LYS A 123 -11.20 -4.84 9.08
N THR A 124 -9.95 -5.14 8.71
CA THR A 124 -8.85 -4.18 8.83
C THR A 124 -7.82 -4.26 7.70
N GLY A 125 -7.17 -3.12 7.45
CA GLY A 125 -6.01 -3.02 6.58
C GLY A 125 -4.86 -2.45 7.39
N ILE A 126 -3.65 -2.50 6.84
CA ILE A 126 -2.44 -1.96 7.49
C ILE A 126 -1.81 -0.83 6.65
N VAL A 127 -1.57 0.30 7.28
CA VAL A 127 -0.99 1.43 6.64
C VAL A 127 0.30 1.71 7.37
N SER A 128 1.28 2.19 6.64
CA SER A 128 2.59 2.41 7.21
C SER A 128 3.16 3.69 6.60
N GLY A 129 4.14 4.27 7.29
CA GLY A 129 4.81 5.48 6.77
C GLY A 129 5.75 6.13 7.79
N PHE A 130 6.60 7.06 7.30
CA PHE A 130 7.48 7.87 8.15
C PHE A 130 6.85 9.24 8.48
N GLY A 131 5.52 9.35 8.33
CA GLY A 131 4.84 10.64 8.50
C GLY A 131 4.63 11.10 9.93
N ARG A 132 4.06 12.29 10.08
CA ARG A 132 3.91 12.90 11.41
C ARG A 132 3.22 11.98 12.41
N THR A 133 3.49 12.22 13.69
CA THR A 133 2.94 11.37 14.76
C THR A 133 1.79 12.05 15.49
N HIS A 134 1.55 13.31 15.16
CA HIS A 134 0.28 13.96 15.46
C HIS A 134 0.13 15.15 14.51
N GLU A 135 -1.10 15.61 14.31
CA GLU A 135 -1.39 16.58 13.28
C GLU A 135 -0.35 17.70 13.20
N LYS A 136 -0.21 18.48 14.27
CA LYS A 136 0.73 19.60 14.27
C LYS A 136 2.15 19.13 14.63
N GLY A 137 2.33 17.81 14.65
CA GLY A 137 3.62 17.23 15.02
C GLY A 137 4.63 17.21 13.91
N GLU A 138 5.57 16.27 13.98
CA GLU A 138 6.62 16.16 12.99
C GLU A 138 6.87 14.71 12.61
N GLN A 139 7.46 14.50 11.43
CA GLN A 139 7.75 13.17 10.94
C GLN A 139 8.53 12.30 11.92
N SER A 140 8.21 11.01 11.95
CA SER A 140 8.93 10.05 12.78
C SER A 140 10.11 9.45 12.02
N THR A 141 11.26 9.45 12.68
CA THR A 141 12.48 8.93 12.10
C THR A 141 12.38 7.41 11.96
N ARG A 142 11.47 6.79 12.69
CA ARG A 142 11.24 5.36 12.51
C ARG A 142 9.97 5.02 11.74
N LEU A 143 10.09 3.99 10.91
CA LEU A 143 8.98 3.52 10.12
C LEU A 143 7.87 2.94 11.02
N LYS A 144 6.70 3.59 11.01
CA LYS A 144 5.54 3.09 11.74
C LYS A 144 4.46 2.42 10.87
N MET A 145 3.72 1.52 11.49
CA MET A 145 2.57 0.93 10.83
C MET A 145 1.39 0.99 11.77
N LEU A 146 0.20 0.86 11.20
CA LEU A 146 -1.01 0.98 11.97
C LEU A 146 -2.13 0.19 11.31
N GLU A 147 -2.82 -0.62 12.10
CA GLU A 147 -3.97 -1.37 11.64
C GLU A 147 -5.22 -0.49 11.62
N VAL A 148 -5.78 -0.27 10.45
CA VAL A 148 -6.96 0.57 10.31
C VAL A 148 -8.20 -0.21 9.80
N PRO A 149 -9.32 -0.09 10.53
CA PRO A 149 -10.53 -0.78 10.08
C PRO A 149 -11.09 -0.18 8.80
N TYR A 150 -11.66 -1.03 7.96
CA TYR A 150 -12.43 -0.56 6.83
C TYR A 150 -13.68 0.19 7.35
N VAL A 151 -13.95 1.35 6.76
CA VAL A 151 -15.13 2.14 7.09
C VAL A 151 -16.16 2.16 5.95
N ASP A 152 -17.41 1.86 6.29
CA ASP A 152 -18.42 1.71 5.26
C ASP A 152 -18.58 3.00 4.47
N ARG A 153 -18.88 2.86 3.19
CA ARG A 153 -18.89 4.01 2.29
C ARG A 153 -19.91 5.09 2.66
N ASN A 154 -21.08 4.70 3.15
CA ASN A 154 -22.07 5.71 3.53
C ASN A 154 -21.63 6.57 4.69
N SER A 155 -21.11 5.92 5.74
CA SER A 155 -20.52 6.65 6.86
C SER A 155 -19.39 7.57 6.37
N CYS A 156 -18.58 7.06 5.46
CA CYS A 156 -17.49 7.83 4.88
C CYS A 156 -18.02 9.12 4.26
N LYS A 157 -18.92 8.97 3.29
CA LYS A 157 -19.55 10.14 2.66
C LYS A 157 -20.12 11.17 3.64
N LEU A 158 -20.91 10.70 4.61
CA LEU A 158 -21.56 11.59 5.59
C LEU A 158 -20.58 12.40 6.45
N SER A 159 -19.48 11.77 6.86
CA SER A 159 -18.49 12.39 7.75
C SER A 159 -17.61 13.49 7.09
N SER A 160 -17.77 13.70 5.80
CA SER A 160 -16.77 14.43 5.02
C SER A 160 -17.22 15.73 4.38
N SER A 161 -16.44 16.78 4.57
CA SER A 161 -16.66 18.06 3.90
C SER A 161 -16.37 17.98 2.41
N PHE A 162 -15.84 16.85 1.96
CA PHE A 162 -15.45 16.75 0.56
C PHE A 162 -16.09 15.53 -0.09
N ILE A 163 -16.20 15.58 -1.41
CA ILE A 163 -16.82 14.52 -2.16
C ILE A 163 -15.92 13.30 -2.21
N ILE A 164 -16.51 12.13 -1.94
CA ILE A 164 -15.80 10.88 -1.92
C ILE A 164 -16.27 10.13 -3.14
N THR A 165 -15.39 9.96 -4.12
CA THR A 165 -15.76 9.22 -5.32
C THR A 165 -15.58 7.72 -5.12
N GLN A 166 -15.92 6.94 -6.16
CA GLN A 166 -15.79 5.48 -6.14
C GLN A 166 -14.35 5.05 -6.29
N ASN A 167 -13.45 6.00 -6.52
CA ASN A 167 -12.02 5.66 -6.56
C ASN A 167 -11.39 5.86 -5.18
N MET A 168 -12.24 6.04 -4.18
CA MET A 168 -11.79 6.36 -2.83
C MET A 168 -12.43 5.46 -1.80
N PHE A 169 -11.72 5.19 -0.71
CA PHE A 169 -12.36 4.52 0.41
C PHE A 169 -11.86 5.04 1.74
N CYS A 170 -12.67 4.86 2.77
CA CYS A 170 -12.34 5.36 4.11
C CYS A 170 -11.74 4.24 4.96
N ALA A 171 -10.75 4.58 5.79
CA ALA A 171 -10.21 3.67 6.78
C ALA A 171 -9.81 4.43 8.04
N GLY A 172 -9.84 3.75 9.17
CA GLY A 172 -9.44 4.38 10.42
C GLY A 172 -10.52 4.39 11.47
N TYR A 173 -10.50 5.41 12.30
CA TYR A 173 -11.41 5.50 13.43
C TYR A 173 -12.13 6.86 13.52
N ASP A 174 -13.39 6.80 13.93
CA ASP A 174 -14.22 7.94 14.13
C ASP A 174 -13.56 8.90 15.15
N THR A 175 -13.36 8.40 16.36
CA THR A 175 -12.79 9.21 17.47
C THR A 175 -11.41 8.74 17.97
N LYS A 176 -11.13 7.45 17.89
CA LYS A 176 -9.87 6.93 18.38
C LYS A 176 -8.72 7.65 17.68
N GLN A 177 -7.72 8.07 18.46
CA GLN A 177 -6.62 8.85 17.91
C GLN A 177 -5.56 7.97 17.22
N GLU A 178 -5.93 7.42 16.07
CA GLU A 178 -4.98 6.68 15.26
C GLU A 178 -5.35 6.92 13.81
N ASP A 179 -4.35 7.14 12.98
CA ASP A 179 -4.64 7.45 11.61
C ASP A 179 -3.32 7.65 10.91
N ALA A 180 -3.38 7.70 9.58
CA ALA A 180 -2.23 8.15 8.82
C ALA A 180 -2.20 9.66 8.99
N CYS A 181 -1.11 10.27 8.57
CA CYS A 181 -1.00 11.71 8.72
C CYS A 181 -0.11 12.30 7.64
N GLN A 182 0.31 13.55 7.87
CA GLN A 182 1.07 14.31 6.88
C GLN A 182 2.43 13.67 6.68
N GLY A 183 2.75 13.32 5.43
CA GLY A 183 4.00 12.61 5.11
C GLY A 183 3.82 11.13 4.77
N ASP A 184 2.63 10.61 5.00
CA ASP A 184 2.40 9.20 4.73
C ASP A 184 1.85 9.03 3.32
N SER A 185 1.23 10.09 2.81
CA SER A 185 0.57 10.10 1.48
C SER A 185 1.42 9.37 0.48
N GLY A 186 0.79 8.61 -0.41
CA GLY A 186 1.51 7.81 -1.40
C GLY A 186 1.92 6.44 -0.88
N GLY A 187 2.02 6.33 0.44
CA GLY A 187 2.46 5.08 1.08
C GLY A 187 1.40 3.99 1.05
N PRO A 188 1.78 2.77 1.49
CA PRO A 188 0.97 1.55 1.36
C PRO A 188 -0.24 1.45 2.26
N HIS A 189 -1.26 0.80 1.73
CA HIS A 189 -2.35 0.30 2.53
C HIS A 189 -2.45 -1.10 1.99
N VAL A 190 -2.27 -2.09 2.85
CA VAL A 190 -2.14 -3.45 2.38
C VAL A 190 -3.06 -4.28 3.20
N THR A 191 -3.51 -5.40 2.66
CA THR A 191 -4.43 -6.23 3.42
C THR A 191 -3.90 -7.63 3.42
N ARG A 192 -3.84 -8.19 4.63
CA ARG A 192 -3.30 -9.52 4.84
C ARG A 192 -4.37 -10.57 4.59
N PHE A 193 -4.00 -11.63 3.89
CA PHE A 193 -4.83 -12.80 3.76
C PHE A 193 -3.95 -14.04 3.88
N LYS A 194 -4.18 -14.87 4.88
CA LYS A 194 -3.32 -16.02 5.17
C LYS A 194 -1.84 -15.71 5.02
N ASP A 195 -1.37 -14.75 5.80
CA ASP A 195 0.05 -14.43 5.82
C ASP A 195 0.64 -13.85 4.53
N THR A 196 -0.21 -13.54 3.54
CA THR A 196 0.25 -12.82 2.35
C THR A 196 -0.40 -11.45 2.32
N TYR A 197 0.39 -10.42 1.97
CA TYR A 197 -0.05 -9.04 1.97
C TYR A 197 -0.29 -8.48 0.56
N PHE A 198 -1.45 -7.87 0.37
CA PHE A 198 -1.93 -7.50 -0.94
C PHE A 198 -2.20 -6.02 -0.88
N VAL A 199 -1.79 -5.29 -1.90
CA VAL A 199 -2.02 -3.85 -1.93
C VAL A 199 -3.49 -3.56 -2.09
N THR A 200 -4.06 -2.76 -1.20
CA THR A 200 -5.49 -2.43 -1.32
C THR A 200 -5.80 -0.92 -1.46
N GLY A 201 -4.84 -0.07 -1.12
CA GLY A 201 -5.09 1.36 -1.12
C GLY A 201 -3.79 2.13 -1.17
N ILE A 202 -3.91 3.42 -1.48
CA ILE A 202 -2.77 4.34 -1.46
C ILE A 202 -3.16 5.45 -0.52
N VAL A 203 -2.32 5.76 0.46
CA VAL A 203 -2.64 6.87 1.34
C VAL A 203 -2.91 8.07 0.44
N SER A 204 -4.10 8.66 0.56
CA SER A 204 -4.50 9.79 -0.28
C SER A 204 -4.68 11.11 0.50
N TRP A 205 -5.71 11.20 1.36
CA TRP A 205 -5.98 12.47 2.04
C TRP A 205 -6.82 12.32 3.32
N GLY A 206 -6.79 13.35 4.14
CA GLY A 206 -7.57 13.43 5.36
C GLY A 206 -7.79 14.89 5.72
N GLU A 207 -8.82 15.15 6.51
CA GLU A 207 -9.04 16.50 7.05
C GLU A 207 -8.36 16.58 8.41
N GLY A 208 -7.07 16.92 8.40
CA GLY A 208 -6.24 16.77 9.60
C GLY A 208 -5.72 15.34 9.75
N CYS A 209 -5.39 14.98 10.99
CA CYS A 209 -4.98 13.63 11.33
C CYS A 209 -5.67 13.22 12.60
N ALA A 210 -6.26 12.03 12.58
CA ALA A 210 -6.96 11.46 13.73
C ALA A 210 -8.10 12.30 14.31
N ARG A 211 -8.61 13.27 13.56
CA ARG A 211 -9.71 14.10 14.09
C ARG A 211 -10.98 13.28 14.33
N LYS A 212 -11.71 13.67 15.37
CA LYS A 212 -12.98 13.03 15.70
C LYS A 212 -14.00 13.28 14.61
N GLY A 213 -14.80 12.26 14.32
CA GLY A 213 -15.75 12.36 13.22
C GLY A 213 -15.17 12.28 11.84
N LYS A 214 -13.84 12.17 11.72
CA LYS A 214 -13.16 12.11 10.42
C LYS A 214 -12.34 10.81 10.27
N TYR A 215 -12.21 10.35 9.03
CA TYR A 215 -11.50 9.09 8.73
C TYR A 215 -10.34 9.37 7.75
N GLY A 216 -9.46 8.38 7.57
CA GLY A 216 -8.38 8.51 6.56
C GLY A 216 -8.94 8.09 5.22
N ILE A 217 -8.61 8.86 4.17
CA ILE A 217 -9.07 8.59 2.81
C ILE A 217 -7.99 8.00 1.88
N TYR A 218 -8.32 6.94 1.16
CA TYR A 218 -7.31 6.15 0.44
C TYR A 218 -7.76 5.95 -0.98
N THR A 219 -6.81 5.88 -1.93
CA THR A 219 -7.13 5.49 -3.30
C THR A 219 -7.56 4.02 -3.35
N LYS A 220 -8.73 3.74 -3.92
CA LYS A 220 -9.20 2.35 -4.06
C LYS A 220 -8.48 1.59 -5.18
N VAL A 221 -7.48 0.83 -4.79
CA VAL A 221 -6.63 0.17 -5.75
C VAL A 221 -7.34 -0.82 -6.66
N THR A 222 -8.42 -1.45 -6.19
CA THR A 222 -9.20 -2.37 -7.05
C THR A 222 -9.75 -1.64 -8.28
N ALA A 223 -9.81 -0.33 -8.22
CA ALA A 223 -10.36 0.38 -9.36
C ALA A 223 -9.31 0.72 -10.39
N PHE A 224 -8.05 0.43 -10.07
CA PHE A 224 -6.90 0.81 -10.91
C PHE A 224 -5.97 -0.37 -11.21
N LEU A 225 -6.51 -1.57 -11.04
CA LEU A 225 -5.73 -2.80 -11.22
C LEU A 225 -5.33 -3.03 -12.68
N LYS A 226 -6.24 -2.79 -13.62
CA LYS A 226 -5.85 -2.90 -15.03
C LYS A 226 -4.93 -1.75 -15.42
N TRP A 227 -5.21 -0.57 -14.88
CA TRP A 227 -4.32 0.58 -15.10
C TRP A 227 -2.89 0.39 -14.62
N ILE A 228 -2.73 -0.32 -13.50
CA ILE A 228 -1.39 -0.50 -12.96
C ILE A 228 -0.63 -1.45 -13.85
N ASP A 229 -1.30 -2.54 -14.24
CA ASP A 229 -0.79 -3.46 -15.22
C ASP A 229 -0.28 -2.80 -16.52
N ARG A 230 -1.03 -1.86 -17.06
CA ARG A 230 -0.64 -1.25 -18.34
C ARG A 230 0.51 -0.28 -18.10
N SER A 231 0.43 0.43 -16.98
CA SER A 231 1.47 1.35 -16.57
C SER A 231 2.81 0.64 -16.39
N MET A 232 2.76 -0.62 -15.95
CA MET A 232 3.97 -1.41 -15.80
C MET A 232 4.26 -2.15 -17.08
N LYS A 233 3.29 -2.20 -17.99
CA LYS A 233 3.43 -3.03 -19.20
C LYS A 233 2.67 -4.35 -19.12
N THR A 234 1.53 -4.50 -19.58
N ARG B 1 -18.98 -28.76 -5.02
CA ARG B 1 -19.93 -27.81 -4.37
C ARG B 1 -19.15 -26.75 -3.62
N LYS B 2 -17.87 -27.02 -3.34
CA LYS B 2 -17.00 -26.00 -2.74
C LYS B 2 -17.40 -24.63 -3.26
N LEU B 3 -17.23 -23.61 -2.42
CA LEU B 3 -17.51 -22.24 -2.84
C LEU B 3 -16.42 -21.31 -2.36
N CYS B 4 -16.14 -20.26 -3.11
CA CYS B 4 -15.16 -19.30 -2.60
C CYS B 4 -15.59 -18.63 -1.28
N SER B 5 -16.88 -18.67 -0.96
CA SER B 5 -17.40 -17.99 0.23
C SER B 5 -17.22 -18.82 1.51
N LEU B 6 -16.63 -20.02 1.37
CA LEU B 6 -16.35 -20.87 2.52
C LEU B 6 -14.86 -21.25 2.59
N ASP B 7 -14.15 -20.68 3.56
CA ASP B 7 -12.70 -20.80 3.65
C ASP B 7 -12.05 -20.58 2.29
N ASN B 8 -12.45 -19.51 1.61
CA ASN B 8 -11.84 -19.14 0.32
C ASN B 8 -11.65 -20.36 -0.62
N GLY B 9 -12.58 -21.31 -0.53
CA GLY B 9 -12.57 -22.49 -1.40
C GLY B 9 -11.35 -23.36 -1.16
N ASP B 10 -10.69 -23.13 -0.02
CA ASP B 10 -9.52 -23.91 0.42
C ASP B 10 -8.22 -23.48 -0.28
N CYS B 11 -8.34 -22.41 -1.09
CA CYS B 11 -7.23 -21.78 -1.82
C CYS B 11 -6.34 -20.95 -0.89
N ASP B 12 -5.04 -20.87 -1.17
CA ASP B 12 -4.09 -20.05 -0.41
C ASP B 12 -4.27 -18.58 -0.79
N GLN B 13 -4.53 -18.31 -2.07
CA GLN B 13 -4.71 -16.93 -2.55
C GLN B 13 -6.01 -16.76 -3.33
N PHE B 14 -5.94 -16.54 -4.63
CA PHE B 14 -7.16 -16.29 -5.39
C PHE B 14 -8.08 -17.50 -5.52
N CYS B 15 -9.38 -17.25 -5.34
CA CYS B 15 -10.44 -18.24 -5.57
C CYS B 15 -11.44 -17.70 -6.59
N HIS B 16 -11.93 -18.58 -7.47
CA HIS B 16 -12.96 -18.22 -8.47
C HIS B 16 -13.89 -19.40 -8.70
N GLU B 17 -15.16 -19.13 -9.00
CA GLU B 17 -16.19 -20.17 -8.93
C GLU B 17 -16.42 -20.84 -10.27
N ASN B 20 -18.93 -23.89 -12.34
CA ASN B 20 -19.71 -24.68 -11.40
C ASN B 20 -18.86 -25.47 -10.41
N SER B 21 -17.61 -25.02 -10.23
CA SER B 21 -16.69 -25.55 -9.20
C SER B 21 -15.59 -24.49 -8.95
N VAL B 22 -14.73 -24.68 -7.96
CA VAL B 22 -13.75 -23.63 -7.64
C VAL B 22 -12.34 -23.82 -8.21
N VAL B 23 -11.82 -22.74 -8.77
CA VAL B 23 -10.49 -22.68 -9.30
C VAL B 23 -9.63 -21.77 -8.45
N CYS B 24 -8.52 -22.28 -7.94
CA CYS B 24 -7.58 -21.45 -7.19
C CYS B 24 -6.51 -20.95 -8.12
N SER B 25 -5.91 -19.81 -7.79
CA SER B 25 -4.77 -19.31 -8.57
C SER B 25 -3.89 -18.48 -7.68
N CYS B 26 -2.80 -17.93 -8.23
CA CYS B 26 -1.80 -17.30 -7.39
C CYS B 26 -1.28 -16.05 -8.03
N ALA B 27 -0.67 -15.18 -7.23
CA ALA B 27 -0.06 -13.95 -7.75
C ALA B 27 1.25 -14.25 -8.50
N ARG B 28 1.73 -13.30 -9.29
CA ARG B 28 3.01 -13.47 -10.00
C ARG B 28 4.09 -13.74 -8.96
N GLY B 29 5.00 -14.67 -9.29
CA GLY B 29 6.04 -15.08 -8.36
C GLY B 29 5.71 -16.32 -7.56
N TYR B 30 4.55 -16.92 -7.82
CA TYR B 30 4.17 -18.15 -7.12
C TYR B 30 3.67 -19.13 -8.14
N THR B 31 3.71 -20.40 -7.80
CA THR B 31 3.17 -21.39 -8.70
C THR B 31 2.15 -22.18 -7.92
N LEU B 32 0.99 -22.39 -8.56
CA LEU B 32 -0.05 -23.21 -7.97
C LEU B 32 0.43 -24.65 -7.78
N ALA B 33 0.39 -25.13 -6.54
CA ALA B 33 0.73 -26.48 -6.19
C ALA B 33 -0.03 -27.54 -7.01
N ASP B 34 0.45 -28.78 -6.89
CA ASP B 34 -0.15 -29.92 -7.57
C ASP B 34 -1.55 -30.17 -7.04
N ASN B 35 -1.76 -29.95 -5.73
CA ASN B 35 -3.10 -30.10 -5.12
C ASN B 35 -4.12 -29.02 -5.50
N GLY B 36 -3.76 -28.08 -6.37
CA GLY B 36 -4.68 -27.08 -6.87
C GLY B 36 -5.12 -26.00 -5.87
N LYS B 37 -4.49 -26.01 -4.69
CA LYS B 37 -4.82 -25.11 -3.58
C LYS B 37 -3.66 -24.19 -3.17
N ALA B 38 -2.51 -24.77 -2.89
CA ALA B 38 -1.47 -24.01 -2.25
C ALA B 38 -0.74 -23.16 -3.28
N CYS B 39 -0.15 -22.07 -2.83
CA CYS B 39 0.67 -21.23 -3.70
C CYS B 39 2.15 -21.28 -3.29
N ILE B 40 3.01 -21.70 -4.21
CA ILE B 40 4.45 -21.88 -3.91
C ILE B 40 5.31 -20.74 -4.48
N PRO B 41 6.14 -20.12 -3.64
CA PRO B 41 7.00 -19.01 -4.05
C PRO B 41 8.10 -19.53 -4.94
N THR B 42 8.34 -18.87 -6.07
CA THR B 42 9.36 -19.37 -6.98
C THR B 42 10.72 -18.69 -6.72
N GLY B 43 10.80 -17.93 -5.64
CA GLY B 43 11.99 -17.17 -5.35
C GLY B 43 12.02 -16.79 -3.90
N PRO B 44 13.13 -16.16 -3.48
CA PRO B 44 13.34 -15.88 -2.07
C PRO B 44 12.59 -14.65 -1.62
N TYR B 45 12.26 -13.75 -2.55
CA TYR B 45 11.53 -12.54 -2.16
C TYR B 45 10.19 -12.37 -2.89
N PRO B 46 9.25 -13.30 -2.63
CA PRO B 46 7.96 -13.31 -3.31
C PRO B 46 7.09 -12.18 -2.78
N CYS B 47 6.33 -11.54 -3.65
CA CYS B 47 5.48 -10.45 -3.20
C CYS B 47 4.68 -10.82 -1.95
N GLY B 48 4.52 -9.86 -1.04
CA GLY B 48 3.52 -9.95 0.02
C GLY B 48 3.96 -10.78 1.20
N LYS B 49 5.18 -11.32 1.11
CA LYS B 49 5.81 -12.04 2.24
C LYS B 49 6.73 -11.14 3.03
N GLN B 50 6.49 -11.05 4.32
CA GLN B 50 7.40 -10.31 5.17
C GLN B 50 8.78 -10.99 5.12
N THR B 51 9.86 -10.23 5.29
CA THR B 51 11.21 -10.80 5.13
C THR B 51 11.82 -11.18 6.47
N LEU B 52 11.70 -12.45 6.88
CA LEU B 52 12.07 -12.78 8.25
C LEU B 52 13.36 -13.62 8.43
N GLU B 53 13.47 -14.75 7.75
CA GLU B 53 14.74 -15.47 7.70
C GLU B 53 15.64 -14.88 6.59
N ARG B 54 16.96 -15.00 6.75
CA ARG B 54 17.89 -14.64 5.67
C ARG B 54 18.27 -13.16 5.69
N ARG B 55 18.47 -12.52 4.66
#